data_1XAV
#
_entry.id   1XAV
#
loop_
_entity.id
_entity.type
_entity.pdbx_description
1 polymer "5'-D(*TP*GP*AP*GP*GP*GP*TP*GP*GP*GP*TP*AP*GP*GP*GP*TP*GP*GP*GP*TP*AP*A)-3'"
2 non-polymer 'POTASSIUM ION'
#
_entity_poly.entity_id   1
_entity_poly.type   'polydeoxyribonucleotide'
_entity_poly.pdbx_seq_one_letter_code
;(DT)(DG)(DA)(DG)(DG)(DG)(DT)(DG)(DG)(DG)(DT)(DA)(DG)(DG)(DG)(DT)(DG)(DG)(DG)(DT)
(DA)(DA)
;
_entity_poly.pdbx_strand_id   A
#
loop_
_chem_comp.id
_chem_comp.type
_chem_comp.name
_chem_comp.formula
DA DNA linking 2'-DEOXYADENOSINE-5'-MONOPHOSPHATE 'C10 H14 N5 O6 P'
DG DNA linking 2'-DEOXYGUANOSINE-5'-MONOPHOSPHATE 'C10 H14 N5 O7 P'
DT DNA linking THYMIDINE-5'-MONOPHOSPHATE 'C10 H15 N2 O8 P'
K non-polymer 'POTASSIUM ION' 'K 1'
#
# COMPACT_ATOMS: atom_id res chain seq x y z
K K B . 0.56 0.93 -1.59
K K C . -0.63 -0.58 1.71
K K B . 0.74 0.68 -1.82
K K C . -0.28 -0.46 1.80
K K B . 0.46 0.79 -1.86
K K C . -0.24 -0.62 1.75
K K B . 0.51 0.89 -2.05
K K C . -0.34 -0.45 1.52
K K B . 0.63 0.79 -2.01
K K C . -0.58 -0.59 1.41
K K B . 0.37 0.70 -1.97
K K C . -0.51 -0.63 1.73
K K B . 0.49 0.78 -1.94
K K C . -0.65 -0.70 1.49
K K B . 0.59 0.87 -1.69
K K C . -0.67 -0.47 1.78
K K B . 0.95 0.66 -1.56
K K C . -0.26 -0.43 1.97
K K B . 0.57 1.02 -1.86
K K C . -0.49 -0.33 1.65
K K B . 0.41 0.41 -1.74
K K C . -0.68 -1.18 1.57
K K B . 0.54 0.29 -1.74
K K C . -0.69 -1.15 1.64
K K B . 0.28 0.73 -1.60
K K C . -0.60 -0.68 1.86
K K B . 0.65 0.75 -1.28
K K C . -0.36 -0.61 2.24
K K B . 0.58 0.23 -1.67
K K C . -0.69 -1.21 1.71
K K B . 0.26 0.83 -1.64
K K C . -0.85 -0.80 1.70
K K B . 0.68 0.76 -1.65
K K C . -0.47 -0.85 1.61
K K B . 0.40 0.67 -1.85
K K C . -0.27 -0.70 1.86
K K B . 0.22 0.68 -1.70
K K C . -0.68 -0.78 1.77
K K B . 0.57 0.53 -1.53
K K C . -0.51 -0.76 1.97
#